data_7CAH
#
_entry.id   7CAH
#
loop_
_entity.id
_entity.type
_entity.pdbx_description
1 polymer 'Light chain of H014 Fab'
2 polymer 'Heavy chain of H014 Fab'
3 polymer 'Spike protein S1'
#
loop_
_entity_poly.entity_id
_entity_poly.type
_entity_poly.pdbx_seq_one_letter_code
_entity_poly.pdbx_strand_id
1 'polypeptide(L)'
;IVLTQSPFQSVSPKEKVTITCRASQSISSNLHWYQQKPDQSPKLLIKYASQSISGIPSRFSGSGSGTDFTLTINSLEAED
FGIYFCQQTNFWPYIFGQGTKLEIL
;
D
2 'polypeptide(L)'
;VQLVQSGAEVKKPGATVKISCKVSGYSFSNYYIHWVKQAPGKSLEWIGYIDPFNGGTSDNLKFKGAATLTADTSTDTAYM
ELSSLRSEDTAVYYCARSEYDPYYVMDYWGQGTTVTVSSASTKGPSVFPLAPSSKSTSGGTAALGCLVKDYFPEPVTVSW
NSGALTSGVHTFPAVLQSSGLYSLSSVVTVPSSSLGTQTYICNVNHKPSNTKVDKKVEPKSC
;
E
3 'polypeptide(L)'
;NLCPFGEVFNATRFASVYAWNRKRISNCVADYSVLYNSASFSTFKCYGVSPTKLNDLCFTNVYADSFVIRGDEVRQIAPG
QTGKIADYNYKLPDDFTGCVIAWNSNNLDSKVGGNYNYLYRLFRKSNLKPFERDISTEIYQAGSTPCNGVEGFNCYFPLQ
SYGFQPTNGVGYQPYRVVVLSFELLHAPATVCGP
;
A
#
# COMPACT_ATOMS: atom_id res chain seq x y z
N ILE A 1 10.34 -9.39 -4.30
CA ILE A 1 10.15 -8.11 -4.96
C ILE A 1 11.43 -7.28 -4.82
N VAL A 2 12.53 -7.94 -4.50
CA VAL A 2 13.79 -7.25 -4.25
C VAL A 2 14.24 -6.55 -5.53
N LEU A 3 14.76 -5.32 -5.37
CA LEU A 3 15.31 -4.55 -6.47
C LEU A 3 16.81 -4.33 -6.25
N THR A 4 17.57 -4.34 -7.34
CA THR A 4 19.00 -4.08 -7.28
C THR A 4 19.50 -3.20 -8.42
N GLN A 5 18.85 -2.08 -8.70
CA GLN A 5 19.04 -1.35 -9.95
C GLN A 5 20.48 -1.01 -10.35
N SER A 6 21.16 -0.13 -9.59
CA SER A 6 22.46 0.39 -10.02
C SER A 6 23.29 0.92 -8.87
N PRO A 7 24.39 0.23 -8.48
CA PRO A 7 25.20 0.67 -7.33
C PRO A 7 25.48 2.18 -7.25
N PHE A 8 26.13 2.73 -8.28
CA PHE A 8 26.26 4.18 -8.41
C PHE A 8 26.65 4.56 -9.82
N GLN A 9 27.05 5.80 -10.04
CA GLN A 9 27.34 6.28 -11.38
C GLN A 9 28.71 6.97 -11.39
N SER A 10 29.41 6.78 -12.52
CA SER A 10 30.70 7.43 -12.74
C SER A 10 30.89 7.50 -14.25
N VAL A 11 30.69 8.68 -14.82
CA VAL A 11 30.61 8.87 -16.26
C VAL A 11 30.69 10.37 -16.55
N SER A 12 31.20 10.72 -17.73
CA SER A 12 31.15 12.11 -18.12
C SER A 12 29.71 12.61 -18.14
N PRO A 13 29.47 13.85 -17.73
CA PRO A 13 28.11 14.39 -17.79
C PRO A 13 27.65 14.59 -19.23
N LYS A 14 26.44 15.13 -19.41
CA LYS A 14 25.85 15.47 -20.70
C LYS A 14 25.55 14.24 -21.55
N GLU A 15 25.77 13.03 -21.05
CA GLU A 15 25.55 11.83 -21.83
C GLU A 15 24.22 11.18 -21.45
N LYS A 16 23.78 10.28 -22.32
CA LYS A 16 22.58 9.48 -22.08
C LYS A 16 22.97 8.31 -21.18
N VAL A 17 22.93 8.55 -19.87
CA VAL A 17 23.39 7.59 -18.88
C VAL A 17 22.19 6.83 -18.32
N THR A 18 22.23 5.51 -18.40
CA THR A 18 21.12 4.66 -18.02
C THR A 18 21.38 4.04 -16.64
N ILE A 19 20.32 3.95 -15.84
CA ILE A 19 20.33 3.22 -14.58
C ILE A 19 19.27 2.14 -14.70
N THR A 20 19.66 0.90 -14.41
CA THR A 20 18.92 -0.27 -14.85
C THR A 20 18.23 -0.94 -13.69
N CYS A 21 16.94 -0.65 -13.50
CA CYS A 21 16.15 -1.30 -12.48
C CYS A 21 15.95 -2.76 -12.83
N ARG A 22 16.75 -3.63 -12.24
CA ARG A 22 16.58 -5.07 -12.38
C ARG A 22 15.61 -5.53 -11.31
N ALA A 23 14.37 -5.78 -11.72
CA ALA A 23 13.35 -6.26 -10.79
C ALA A 23 13.49 -7.75 -10.61
N SER A 24 13.12 -8.25 -9.43
CA SER A 24 13.08 -9.68 -9.21
C SER A 24 11.94 -10.29 -10.00
N GLN A 25 11.72 -11.59 -9.77
CA GLN A 25 10.78 -12.39 -10.54
C GLN A 25 9.43 -11.69 -10.75
N SER A 26 9.08 -10.80 -9.83
CA SER A 26 7.77 -10.15 -9.86
C SER A 26 7.73 -9.07 -10.92
N ILE A 27 7.02 -9.34 -12.02
CA ILE A 27 6.86 -8.39 -13.11
C ILE A 27 5.68 -7.50 -12.79
N SER A 28 5.97 -6.34 -12.20
CA SER A 28 4.95 -5.37 -11.84
C SER A 28 5.05 -4.20 -12.82
N SER A 29 4.00 -3.99 -13.61
CA SER A 29 3.96 -2.91 -14.59
C SER A 29 4.19 -1.56 -13.93
N ASN A 30 3.68 -1.39 -12.71
CA ASN A 30 3.80 -0.12 -12.02
C ASN A 30 5.17 0.02 -11.37
N LEU A 31 5.55 1.27 -11.09
CA LEU A 31 6.79 1.59 -10.38
C LEU A 31 6.82 3.08 -10.09
N HIS A 32 7.91 3.54 -9.49
CA HIS A 32 8.16 4.97 -9.31
C HIS A 32 9.66 5.20 -9.18
N TRP A 33 10.07 6.45 -9.32
CA TRP A 33 11.47 6.80 -9.14
C TRP A 33 11.57 8.17 -8.50
N TYR A 34 12.49 8.30 -7.55
CA TYR A 34 12.62 9.51 -6.74
C TYR A 34 14.05 10.00 -6.73
N GLN A 35 14.20 11.32 -6.69
CA GLN A 35 15.52 11.97 -6.64
C GLN A 35 15.81 12.43 -5.22
N GLN A 36 16.96 12.03 -4.71
CA GLN A 36 17.41 12.36 -3.38
C GLN A 36 18.61 13.28 -3.45
N LYS A 37 18.63 14.27 -2.56
CA LYS A 37 19.74 15.20 -2.43
C LYS A 37 20.32 15.04 -1.04
N PRO A 38 21.62 15.31 -0.84
CA PRO A 38 22.25 15.07 0.47
C PRO A 38 21.50 15.72 1.63
N ASP A 39 20.96 14.87 2.51
CA ASP A 39 20.21 15.29 3.68
C ASP A 39 18.99 16.13 3.28
N GLN A 40 18.40 15.77 2.14
CA GLN A 40 17.22 16.43 1.62
C GLN A 40 16.15 15.37 1.40
N SER A 41 14.95 15.61 1.93
CA SER A 41 13.82 14.72 1.71
C SER A 41 13.61 14.56 0.21
N PRO A 42 13.82 13.36 -0.32
CA PRO A 42 13.76 13.17 -1.78
C PRO A 42 12.38 13.45 -2.35
N LYS A 43 12.24 13.39 -3.67
CA LYS A 43 10.97 13.62 -4.33
C LYS A 43 10.84 12.68 -5.52
N LEU A 44 9.65 12.14 -5.71
CA LEU A 44 9.41 11.21 -6.81
C LEU A 44 9.56 11.91 -8.15
N LEU A 45 10.38 11.34 -9.02
CA LEU A 45 10.59 11.86 -10.37
C LEU A 45 9.66 11.20 -11.38
N ILE A 46 9.80 9.88 -11.52
CA ILE A 46 9.11 9.12 -12.55
C ILE A 46 7.89 8.47 -11.92
N LYS A 47 6.70 8.87 -12.37
CA LYS A 47 5.44 8.29 -11.92
C LYS A 47 5.01 7.20 -12.89
N TYR A 48 4.73 6.02 -12.35
CA TYR A 48 4.28 4.86 -13.12
C TYR A 48 5.28 4.44 -14.18
N ALA A 49 6.51 4.93 -14.09
CA ALA A 49 7.65 4.60 -14.95
C ALA A 49 7.49 5.10 -16.37
N SER A 50 6.35 5.70 -16.72
CA SER A 50 6.13 6.21 -18.07
C SER A 50 5.53 7.60 -18.13
N GLN A 51 4.75 8.03 -17.15
CA GLN A 51 4.08 9.31 -17.17
C GLN A 51 4.91 10.36 -16.43
N SER A 52 4.80 11.60 -16.88
CA SER A 52 5.49 12.72 -16.25
C SER A 52 4.54 13.43 -15.31
N ILE A 53 5.02 13.75 -14.12
CA ILE A 53 4.27 14.60 -13.19
C ILE A 53 4.69 16.03 -13.46
N SER A 54 3.90 16.99 -13.01
CA SER A 54 4.20 18.39 -13.27
C SER A 54 5.44 18.82 -12.49
N GLY A 55 6.33 19.53 -13.16
CA GLY A 55 7.48 20.14 -12.52
C GLY A 55 8.81 19.43 -12.69
N ILE A 56 8.92 18.53 -13.66
CA ILE A 56 10.17 17.80 -13.89
C ILE A 56 10.71 18.23 -15.25
N PRO A 57 11.91 18.81 -15.32
CA PRO A 57 12.58 18.92 -16.62
C PRO A 57 12.77 17.54 -17.23
N SER A 58 12.71 17.47 -18.55
CA SER A 58 12.68 16.19 -19.25
C SER A 58 14.06 15.57 -19.44
N ARG A 59 15.04 15.96 -18.63
CA ARG A 59 16.39 15.42 -18.78
C ARG A 59 16.46 13.91 -18.59
N PHE A 60 15.65 13.33 -17.71
CA PHE A 60 15.70 11.90 -17.42
C PHE A 60 14.36 11.29 -17.77
N SER A 61 14.38 10.34 -18.71
CA SER A 61 13.18 9.61 -19.11
C SER A 61 13.16 8.27 -18.39
N GLY A 62 11.97 7.70 -18.25
CA GLY A 62 11.80 6.39 -17.63
C GLY A 62 11.06 5.46 -18.59
N SER A 63 11.45 4.19 -18.58
CA SER A 63 10.85 3.20 -19.44
C SER A 63 11.09 1.81 -18.83
N GLY A 64 10.72 0.78 -19.58
CA GLY A 64 10.98 -0.58 -19.14
C GLY A 64 9.87 -1.50 -19.56
N SER A 65 10.12 -2.79 -19.36
CA SER A 65 9.22 -3.86 -19.80
C SER A 65 9.01 -4.83 -18.65
N GLY A 66 7.74 -5.09 -18.33
CA GLY A 66 7.38 -6.14 -17.40
C GLY A 66 8.03 -5.97 -16.05
N THR A 67 9.05 -6.79 -15.78
CA THR A 67 9.85 -6.65 -14.57
C THR A 67 10.94 -5.60 -14.75
N ASP A 68 11.79 -5.79 -15.76
CA ASP A 68 13.02 -5.02 -15.88
C ASP A 68 12.74 -3.65 -16.47
N PHE A 69 13.01 -2.60 -15.69
CA PHE A 69 12.79 -1.23 -16.13
C PHE A 69 14.11 -0.48 -16.14
N THR A 70 14.10 0.73 -16.66
CA THR A 70 15.29 1.56 -16.75
C THR A 70 14.91 3.04 -16.67
N LEU A 71 15.89 3.85 -16.29
CA LEU A 71 15.77 5.30 -16.33
C LEU A 71 16.99 5.83 -17.06
N THR A 72 16.76 6.46 -18.21
CA THR A 72 17.84 7.03 -19.00
C THR A 72 17.87 8.53 -18.74
N ILE A 73 18.82 8.97 -17.94
CA ILE A 73 19.08 10.39 -17.75
C ILE A 73 19.78 10.88 -19.00
N ASN A 74 19.06 11.61 -19.84
CA ASN A 74 19.62 12.15 -21.06
C ASN A 74 20.21 13.53 -20.81
N SER A 75 21.46 13.70 -21.23
CA SER A 75 22.18 14.96 -21.10
C SER A 75 22.07 15.54 -19.70
N LEU A 76 22.61 14.80 -18.72
CA LEU A 76 22.65 15.29 -17.36
C LEU A 76 23.95 16.04 -17.11
N GLU A 77 23.85 17.12 -16.35
CA GLU A 77 24.98 18.00 -16.08
C GLU A 77 25.41 17.84 -14.62
N ALA A 78 26.38 18.68 -14.23
CA ALA A 78 26.86 18.71 -12.86
C ALA A 78 25.96 19.49 -11.92
N GLU A 79 24.74 19.82 -12.34
CA GLU A 79 23.81 20.56 -11.51
C GLU A 79 22.73 19.69 -10.88
N ASP A 80 22.45 18.51 -11.45
CA ASP A 80 21.28 17.72 -11.09
C ASP A 80 21.59 16.46 -10.31
N PHE A 81 22.76 15.84 -10.50
CA PHE A 81 22.93 14.48 -10.00
C PHE A 81 22.98 14.44 -8.48
N GLY A 82 22.32 13.44 -7.92
CA GLY A 82 22.37 13.11 -6.50
C GLY A 82 22.23 11.62 -6.35
N ILE A 83 21.35 11.18 -5.47
CA ILE A 83 20.97 9.77 -5.44
C ILE A 83 19.65 9.63 -6.16
N TYR A 84 19.39 8.46 -6.74
CA TYR A 84 18.11 8.22 -7.37
C TYR A 84 17.62 6.83 -6.99
N PHE A 85 16.53 6.81 -6.24
CA PHE A 85 15.96 5.58 -5.72
C PHE A 85 14.82 5.08 -6.60
N CYS A 86 14.73 3.77 -6.73
CA CYS A 86 13.62 3.11 -7.38
C CYS A 86 12.61 2.71 -6.33
N GLN A 87 11.34 2.73 -6.72
CA GLN A 87 10.23 2.53 -5.81
C GLN A 87 9.35 1.42 -6.38
N GLN A 88 9.31 0.29 -5.69
CA GLN A 88 8.46 -0.80 -6.10
C GLN A 88 7.00 -0.45 -5.85
N THR A 89 6.15 -1.45 -6.04
CA THR A 89 4.72 -1.23 -6.11
C THR A 89 3.98 -2.45 -5.58
N ASN A 90 2.78 -2.68 -6.08
CA ASN A 90 1.71 -3.46 -5.47
C ASN A 90 2.16 -4.55 -4.50
N PHE A 91 3.18 -5.32 -4.85
CA PHE A 91 3.64 -6.37 -3.94
C PHE A 91 3.84 -5.80 -2.54
N TRP A 92 3.21 -6.44 -1.57
CA TRP A 92 2.74 -5.79 -0.34
C TRP A 92 3.80 -4.94 0.35
N PRO A 93 4.93 -5.49 0.79
CA PRO A 93 5.94 -4.60 1.37
C PRO A 93 6.59 -3.81 0.26
N TYR A 94 6.20 -2.54 0.10
CA TYR A 94 6.60 -1.76 -1.06
C TYR A 94 8.08 -1.45 -0.92
N ILE A 95 8.90 -2.43 -1.28
CA ILE A 95 10.33 -2.32 -1.04
C ILE A 95 10.95 -1.29 -1.97
N PHE A 96 12.03 -0.67 -1.52
CA PHE A 96 12.78 0.29 -2.30
C PHE A 96 14.18 -0.24 -2.53
N GLY A 97 14.59 -0.30 -3.80
CA GLY A 97 15.91 -0.79 -4.12
C GLY A 97 17.01 0.06 -3.51
N GLN A 98 18.23 -0.46 -3.57
CA GLN A 98 19.34 0.20 -2.90
C GLN A 98 19.81 1.44 -3.68
N GLY A 99 18.99 1.91 -4.62
CA GLY A 99 19.14 3.24 -5.16
C GLY A 99 20.17 3.40 -6.25
N THR A 100 20.25 4.62 -6.81
CA THR A 100 21.23 4.97 -7.83
C THR A 100 21.83 6.32 -7.50
N LYS A 101 22.92 6.32 -6.74
CA LYS A 101 23.75 7.51 -6.63
C LYS A 101 24.28 7.87 -8.00
N LEU A 102 24.50 9.16 -8.22
CA LEU A 102 25.01 9.65 -9.50
C LEU A 102 26.21 10.55 -9.25
N GLU A 103 27.40 10.04 -9.57
CA GLU A 103 28.61 10.83 -9.60
C GLU A 103 29.07 10.95 -11.05
N ILE A 104 29.70 12.07 -11.39
CA ILE A 104 30.09 12.36 -12.77
C ILE A 104 31.36 13.20 -12.75
N LEU A 105 32.05 13.20 -13.89
CA LEU A 105 33.27 13.97 -14.03
C LEU A 105 32.98 15.46 -13.94
N GLN B 2 1.99 20.55 1.90
CA GLN B 2 3.26 20.52 2.62
C GLN B 2 3.11 19.84 3.97
N LEU B 3 4.14 19.12 4.37
CA LEU B 3 4.16 18.37 5.61
C LEU B 3 5.22 18.95 6.55
N VAL B 4 4.99 18.84 7.85
CA VAL B 4 5.90 19.37 8.85
C VAL B 4 6.02 18.36 9.98
N GLN B 5 7.25 17.96 10.29
CA GLN B 5 7.54 16.95 11.29
C GLN B 5 7.83 17.62 12.63
N SER B 6 8.37 16.86 13.58
CA SER B 6 9.02 17.41 14.75
C SER B 6 10.51 17.53 14.49
N GLY B 7 11.21 18.18 15.41
CA GLY B 7 12.63 18.36 15.27
C GLY B 7 13.39 17.06 15.41
N ALA B 8 14.71 17.16 15.27
CA ALA B 8 15.57 15.99 15.40
C ALA B 8 15.67 15.57 16.87
N GLU B 9 15.68 14.26 17.11
CA GLU B 9 15.56 13.75 18.47
C GLU B 9 16.51 12.59 18.72
N VAL B 10 16.77 12.32 20.00
CA VAL B 10 17.68 11.26 20.42
C VAL B 10 17.10 10.62 21.68
N LYS B 11 17.28 9.31 21.81
CA LYS B 11 16.71 8.57 22.93
C LYS B 11 17.63 7.41 23.30
N LYS B 12 17.22 6.70 24.34
CA LYS B 12 17.63 5.53 25.10
C LYS B 12 17.07 4.26 24.48
N PRO B 13 17.74 3.12 24.68
CA PRO B 13 17.14 1.84 24.30
C PRO B 13 15.96 1.50 25.18
N GLY B 14 15.26 0.43 24.80
CA GLY B 14 14.20 -0.16 25.60
C GLY B 14 12.84 0.50 25.55
N ALA B 15 12.79 1.81 25.78
CA ALA B 15 11.53 2.55 25.86
C ALA B 15 10.98 2.81 24.47
N THR B 16 10.03 3.73 24.35
CA THR B 16 9.42 4.06 23.07
C THR B 16 9.50 5.56 22.82
N VAL B 17 8.91 5.97 21.70
CA VAL B 17 8.85 7.38 21.30
C VAL B 17 7.64 7.56 20.40
N LYS B 18 7.19 8.80 20.30
CA LYS B 18 6.18 9.18 19.31
C LYS B 18 6.69 10.39 18.55
N ILE B 19 6.44 10.39 17.26
CA ILE B 19 6.76 11.52 16.40
C ILE B 19 5.48 11.92 15.68
N SER B 20 5.51 13.05 14.99
CA SER B 20 4.29 13.58 14.42
C SER B 20 4.58 14.14 13.04
N CYS B 21 3.51 14.52 12.36
CA CYS B 21 3.59 15.19 11.06
C CYS B 21 2.25 15.85 10.78
N LYS B 22 2.29 17.16 10.54
CA LYS B 22 1.10 17.95 10.24
C LYS B 22 1.09 18.33 8.77
N VAL B 23 -0.11 18.55 8.24
CA VAL B 23 -0.33 18.64 6.81
C VAL B 23 -0.98 19.98 6.49
N SER B 24 -0.72 20.48 5.28
CA SER B 24 -1.33 21.72 4.82
C SER B 24 -1.54 21.67 3.32
N GLY B 25 -2.59 22.33 2.85
CA GLY B 25 -2.78 22.59 1.43
C GLY B 25 -3.87 21.81 0.73
N TYR B 26 -4.53 20.87 1.40
CA TYR B 26 -5.55 20.04 0.76
C TYR B 26 -6.41 19.39 1.83
N SER B 27 -7.21 18.41 1.41
CA SER B 27 -8.06 17.63 2.31
C SER B 27 -7.23 16.50 2.91
N PHE B 28 -6.70 16.74 4.11
CA PHE B 28 -5.95 15.75 4.85
C PHE B 28 -6.71 14.43 5.03
N SER B 29 -7.89 14.50 5.64
CA SER B 29 -8.70 13.32 5.94
C SER B 29 -8.94 12.43 4.72
N ASN B 30 -8.73 12.93 3.51
CA ASN B 30 -8.98 12.16 2.30
C ASN B 30 -7.70 11.92 1.50
N TYR B 31 -6.60 11.60 2.18
CA TYR B 31 -5.30 11.32 1.54
C TYR B 31 -4.41 10.55 2.50
N TYR B 32 -3.90 9.40 2.04
CA TYR B 32 -3.02 8.57 2.85
C TYR B 32 -1.80 9.35 3.32
N ILE B 33 -1.08 8.77 4.27
CA ILE B 33 0.23 9.29 4.67
C ILE B 33 1.16 8.10 4.88
N HIS B 34 2.24 8.06 4.12
CA HIS B 34 3.25 7.03 4.24
C HIS B 34 4.28 7.41 5.29
N TRP B 35 4.86 6.40 5.93
CA TRP B 35 5.99 6.58 6.82
C TRP B 35 7.10 5.68 6.34
N VAL B 36 8.26 6.29 6.09
CA VAL B 36 9.40 5.64 5.45
C VAL B 36 10.65 5.91 6.27
N LYS B 37 11.38 4.87 6.59
CA LYS B 37 12.67 5.01 7.27
C LYS B 37 13.77 5.19 6.23
N GLN B 38 14.71 6.08 6.53
CA GLN B 38 15.86 6.35 5.68
C GLN B 38 17.11 6.06 6.49
N ALA B 39 17.87 5.08 6.04
CA ALA B 39 18.93 4.48 6.83
C ALA B 39 20.07 5.47 7.04
N PRO B 40 20.95 5.19 8.02
CA PRO B 40 22.17 6.01 8.18
C PRO B 40 23.21 5.63 7.15
N GLY B 41 23.40 6.50 6.15
CA GLY B 41 24.37 6.23 5.11
C GLY B 41 24.10 4.98 4.31
N LYS B 42 22.85 4.66 4.06
CA LYS B 42 22.47 3.44 3.35
C LYS B 42 21.23 3.73 2.51
N SER B 43 20.55 2.66 2.12
CA SER B 43 19.39 2.75 1.23
C SER B 43 18.14 3.06 2.06
N LEU B 44 16.98 2.92 1.43
CA LEU B 44 15.70 3.21 2.07
C LEU B 44 15.06 1.94 2.61
N GLU B 45 13.89 2.12 3.22
CA GLU B 45 13.10 1.03 3.76
C GLU B 45 11.73 1.57 4.11
N TRP B 46 10.68 0.88 3.66
CA TRP B 46 9.31 1.30 3.97
C TRP B 46 8.90 0.74 5.33
N ILE B 47 8.16 1.53 6.09
CA ILE B 47 7.76 1.12 7.43
C ILE B 47 6.27 1.16 7.64
N GLY B 48 5.50 1.85 6.83
CA GLY B 48 4.06 1.72 6.95
C GLY B 48 3.35 2.89 6.32
N TYR B 49 2.05 2.92 6.51
CA TYR B 49 1.30 4.11 6.16
C TYR B 49 -0.03 4.05 6.90
N ILE B 50 -0.58 5.23 7.16
CA ILE B 50 -1.86 5.34 7.83
C ILE B 50 -2.82 6.07 6.91
N ASP B 51 -3.98 5.58 6.82
CA ASP B 51 -5.01 6.43 6.27
C ASP B 51 -5.40 7.46 7.33
N PRO B 52 -5.73 8.68 6.90
CA PRO B 52 -6.09 9.70 7.88
C PRO B 52 -7.44 9.46 8.51
N PHE B 53 -8.33 8.74 7.83
CA PHE B 53 -9.70 8.60 8.27
C PHE B 53 -9.96 7.34 9.09
N ASN B 54 -9.33 6.23 8.75
CA ASN B 54 -9.40 5.02 9.56
C ASN B 54 -7.99 4.52 9.80
N GLY B 55 -7.87 3.55 10.69
CA GLY B 55 -6.56 3.00 11.00
C GLY B 55 -6.03 2.14 9.87
N GLY B 56 -5.91 2.71 8.68
CA GLY B 56 -5.43 1.99 7.52
C GLY B 56 -3.95 1.72 7.62
N THR B 57 -3.55 1.02 8.67
CA THR B 57 -2.15 0.89 9.03
C THR B 57 -1.57 -0.38 8.44
N SER B 58 -1.60 -0.47 7.12
CA SER B 58 -0.84 -1.50 6.43
C SER B 58 0.61 -1.39 6.85
N ASP B 59 1.08 -2.38 7.59
CA ASP B 59 2.35 -2.27 8.30
C ASP B 59 3.35 -3.31 7.79
N ASN B 60 4.34 -2.84 7.03
CA ASN B 60 5.46 -3.70 6.68
C ASN B 60 6.00 -4.39 7.92
N LEU B 61 6.30 -5.67 7.78
CA LEU B 61 6.75 -6.46 8.90
C LEU B 61 8.24 -6.31 9.20
N LYS B 62 9.04 -6.02 8.18
CA LYS B 62 10.48 -6.32 8.19
C LYS B 62 11.12 -6.13 9.55
N PHE B 63 10.83 -5.01 10.20
CA PHE B 63 11.15 -4.86 11.61
C PHE B 63 9.83 -4.78 12.37
N LYS B 64 9.65 -5.65 13.35
CA LYS B 64 8.50 -5.56 14.25
C LYS B 64 8.93 -4.96 15.59
N GLY B 65 9.30 -3.68 15.53
CA GLY B 65 9.53 -2.91 16.73
C GLY B 65 8.24 -2.30 17.23
N ALA B 66 7.12 -2.96 16.95
CA ALA B 66 5.79 -2.49 17.33
C ALA B 66 5.51 -1.11 16.76
N ALA B 67 5.94 -0.87 15.52
CA ALA B 67 5.88 0.47 14.95
C ALA B 67 4.42 0.82 14.66
N THR B 68 3.73 1.30 15.68
CA THR B 68 2.31 1.59 15.61
C THR B 68 2.09 2.95 14.97
N LEU B 69 1.02 3.07 14.19
CA LEU B 69 0.60 4.35 13.64
C LEU B 69 -0.74 4.74 14.24
N THR B 70 -0.83 5.98 14.73
CA THR B 70 -2.10 6.60 15.05
C THR B 70 -2.14 7.95 14.35
N ALA B 71 -3.28 8.65 14.46
CA ALA B 71 -3.40 9.94 13.81
C ALA B 71 -4.49 10.75 14.50
N ASP B 72 -4.70 11.97 14.00
CA ASP B 72 -5.78 12.82 14.46
C ASP B 72 -6.13 13.77 13.34
N THR B 73 -7.42 13.78 12.96
CA THR B 73 -7.91 14.70 11.95
C THR B 73 -8.29 16.06 12.51
N SER B 74 -8.32 16.20 13.84
CA SER B 74 -8.55 17.50 14.45
C SER B 74 -7.43 18.46 14.10
N THR B 75 -6.22 18.18 14.59
CA THR B 75 -5.06 19.00 14.29
C THR B 75 -4.44 18.66 12.95
N ASP B 76 -4.98 17.66 12.25
CA ASP B 76 -4.46 17.22 10.96
C ASP B 76 -3.02 16.70 11.10
N THR B 77 -2.80 15.88 12.13
CA THR B 77 -1.46 15.42 12.46
C THR B 77 -1.45 13.92 12.68
N ALA B 78 -0.53 13.24 12.01
CA ALA B 78 -0.32 11.82 12.21
C ALA B 78 0.81 11.59 13.20
N TYR B 79 0.69 10.50 13.97
CA TYR B 79 1.65 10.14 15.00
C TYR B 79 2.22 8.77 14.69
N MET B 80 3.53 8.66 14.70
CA MET B 80 4.22 7.39 14.59
C MET B 80 4.78 7.04 15.95
N GLU B 81 4.22 5.99 16.56
CA GLU B 81 4.65 5.51 17.87
C GLU B 81 5.58 4.34 17.66
N LEU B 82 6.88 4.58 17.77
CA LEU B 82 7.88 3.55 17.61
C LEU B 82 8.27 3.01 18.98
N SER B 83 8.19 1.70 19.13
CA SER B 83 8.59 1.06 20.37
C SER B 83 9.94 0.38 20.21
N SER B 84 10.50 -0.06 21.33
CA SER B 84 11.76 -0.79 21.36
C SER B 84 12.86 -0.03 20.62
N LEU B 85 13.03 1.24 21.00
CA LEU B 85 14.12 2.05 20.46
C LEU B 85 15.43 1.31 20.62
N ARG B 86 16.24 1.29 19.56
CA ARG B 86 17.41 0.44 19.56
C ARG B 86 18.30 0.80 18.36
N SER B 87 19.46 0.15 18.32
CA SER B 87 20.54 0.52 17.40
C SER B 87 20.06 0.65 15.96
N GLU B 88 19.25 -0.29 15.49
CA GLU B 88 18.83 -0.32 14.10
C GLU B 88 17.85 0.80 13.76
N ASP B 89 17.61 1.74 14.67
CA ASP B 89 16.57 2.72 14.49
C ASP B 89 17.11 4.15 14.44
N THR B 90 18.41 4.34 14.58
CA THR B 90 18.98 5.69 14.54
C THR B 90 18.99 6.18 13.10
N ALA B 91 17.82 6.43 12.54
CA ALA B 91 17.69 6.77 11.13
C ALA B 91 16.71 7.93 11.02
N VAL B 92 16.47 8.37 9.79
CA VAL B 92 15.66 9.55 9.54
C VAL B 92 14.31 9.07 9.03
N TYR B 93 13.26 9.33 9.79
CA TYR B 93 11.92 8.91 9.41
C TYR B 93 11.22 10.06 8.69
N TYR B 94 10.42 9.71 7.69
CA TYR B 94 9.76 10.66 6.83
C TYR B 94 8.29 10.31 6.72
N CYS B 95 7.42 11.23 7.13
CA CYS B 95 6.09 11.20 6.58
C CYS B 95 6.17 11.50 5.09
N ALA B 96 5.09 11.15 4.37
CA ALA B 96 5.10 11.31 2.93
C ALA B 96 3.68 11.37 2.41
N ARG B 97 3.43 12.28 1.48
CA ARG B 97 2.10 12.36 0.87
C ARG B 97 1.88 11.18 -0.06
N SER B 98 0.69 10.61 0.00
CA SER B 98 0.37 9.41 -0.76
C SER B 98 -0.94 9.58 -1.50
N GLU B 99 -1.06 8.85 -2.60
CA GLU B 99 -2.37 8.67 -3.24
C GLU B 99 -3.33 8.03 -2.26
N TYR B 100 -4.63 8.18 -2.53
CA TYR B 100 -5.61 7.61 -1.61
C TYR B 100 -5.78 6.11 -1.78
N ASP B 101 -5.40 5.56 -2.93
CA ASP B 101 -5.51 4.12 -3.14
C ASP B 101 -4.68 3.78 -4.38
N PRO B 102 -4.66 2.50 -4.85
CA PRO B 102 -3.38 1.93 -5.30
C PRO B 102 -2.76 2.63 -6.50
N TYR B 103 -2.49 3.92 -6.33
CA TYR B 103 -1.64 4.69 -7.21
C TYR B 103 -0.41 5.16 -6.45
N TYR B 104 -0.07 4.45 -5.39
CA TYR B 104 0.82 4.92 -4.32
C TYR B 104 2.09 5.54 -4.85
N VAL B 105 2.31 6.80 -4.46
CA VAL B 105 3.56 7.49 -4.72
C VAL B 105 3.83 8.42 -3.54
N MET B 106 5.08 8.51 -3.13
CA MET B 106 5.52 9.36 -2.03
C MET B 106 6.32 10.50 -2.66
N ASP B 107 5.66 11.64 -2.87
CA ASP B 107 6.32 12.76 -3.54
C ASP B 107 6.46 13.98 -2.65
N TYR B 108 5.53 14.21 -1.73
CA TYR B 108 5.62 15.30 -0.78
C TYR B 108 5.90 14.72 0.61
N TRP B 109 6.86 15.32 1.30
CA TRP B 109 7.50 14.68 2.44
C TRP B 109 7.49 15.63 3.63
N GLY B 110 7.94 15.10 4.77
CA GLY B 110 8.29 15.91 5.90
C GLY B 110 9.77 16.25 5.85
N GLN B 111 10.20 17.09 6.78
CA GLN B 111 11.57 17.55 6.79
C GLN B 111 12.55 16.38 6.93
N GLY B 112 12.05 15.27 7.44
CA GLY B 112 12.89 14.13 7.79
C GLY B 112 13.43 14.33 9.18
N THR B 113 13.22 13.38 10.07
CA THR B 113 13.66 13.54 11.45
C THR B 113 14.52 12.37 11.85
N THR B 114 15.73 12.65 12.32
CA THR B 114 16.54 11.58 12.86
C THR B 114 16.08 11.23 14.27
N VAL B 115 16.10 9.93 14.55
CA VAL B 115 15.83 9.47 15.90
C VAL B 115 17.04 8.68 16.36
N THR B 116 18.00 9.39 16.94
CA THR B 116 19.27 8.78 17.30
C THR B 116 19.10 7.87 18.50
N VAL B 117 19.84 6.76 18.50
CA VAL B 117 19.87 5.84 19.63
C VAL B 117 21.31 5.66 20.06
N SER B 118 21.58 5.95 21.33
CA SER B 118 22.88 5.83 21.95
C SER B 118 22.72 5.02 23.23
N SER B 119 23.76 5.02 24.06
CA SER B 119 23.63 4.42 25.38
C SER B 119 23.00 5.37 26.39
N ALA B 120 22.95 6.66 26.08
CA ALA B 120 22.34 7.65 26.97
C ALA B 120 21.77 8.76 26.12
N SER B 121 21.43 9.87 26.76
CA SER B 121 20.81 11.01 26.09
C SER B 121 21.63 11.53 24.91
N ASN C 1 -4.36 -28.09 13.81
CA ASN C 1 -4.63 -28.21 12.37
C ASN C 1 -4.49 -26.88 11.66
N LEU C 2 -5.53 -26.54 10.91
CA LEU C 2 -5.60 -25.34 10.08
C LEU C 2 -7.05 -25.16 9.64
N CYS C 3 -7.24 -24.23 8.70
CA CYS C 3 -8.40 -24.25 7.82
C CYS C 3 -8.11 -23.45 6.56
N PRO C 4 -8.53 -23.94 5.39
CA PRO C 4 -7.89 -23.56 4.11
C PRO C 4 -8.21 -22.17 3.59
N PHE C 5 -7.43 -21.17 3.99
CA PHE C 5 -7.47 -19.89 3.30
C PHE C 5 -7.32 -20.03 1.79
N GLY C 6 -6.73 -21.14 1.34
CA GLY C 6 -6.54 -21.33 -0.09
C GLY C 6 -7.81 -21.10 -0.89
N GLU C 7 -8.93 -21.67 -0.44
CA GLU C 7 -10.14 -21.66 -1.24
C GLU C 7 -10.74 -20.27 -1.45
N VAL C 8 -10.22 -19.24 -0.78
CA VAL C 8 -10.62 -17.87 -1.05
C VAL C 8 -9.50 -17.08 -1.74
N PHE C 9 -8.27 -17.18 -1.23
CA PHE C 9 -7.16 -16.52 -1.91
C PHE C 9 -6.69 -17.34 -3.10
N ASN C 10 -6.33 -18.59 -2.87
CA ASN C 10 -5.75 -19.45 -3.90
C ASN C 10 -6.82 -20.20 -4.70
N ALA C 11 -8.02 -19.64 -4.81
CA ALA C 11 -9.08 -20.26 -5.59
C ALA C 11 -8.90 -19.95 -7.08
N THR C 12 -9.94 -20.26 -7.86
CA THR C 12 -9.92 -20.01 -9.30
C THR C 12 -10.89 -18.93 -9.75
N ARG C 13 -12.16 -19.03 -9.39
CA ARG C 13 -13.18 -18.10 -9.85
C ARG C 13 -13.27 -16.92 -8.91
N PHE C 14 -14.36 -16.15 -9.04
CA PHE C 14 -14.58 -14.95 -8.23
C PHE C 14 -16.06 -14.60 -8.24
N ALA C 15 -16.56 -14.21 -7.07
CA ALA C 15 -17.95 -13.82 -6.90
C ALA C 15 -18.12 -12.33 -7.17
N SER C 16 -19.34 -11.91 -7.50
CA SER C 16 -19.59 -10.52 -7.88
C SER C 16 -19.68 -9.63 -6.65
N VAL C 17 -19.89 -8.32 -6.87
CA VAL C 17 -19.89 -7.36 -5.77
C VAL C 17 -21.19 -7.42 -4.98
N TYR C 18 -22.27 -7.89 -5.60
CA TYR C 18 -23.53 -8.08 -4.88
C TYR C 18 -23.70 -9.53 -4.46
N ALA C 19 -23.38 -10.46 -5.35
CA ALA C 19 -23.24 -11.87 -4.99
C ALA C 19 -21.75 -12.14 -4.74
N TRP C 20 -21.37 -11.98 -3.48
CA TRP C 20 -19.99 -12.17 -3.07
C TRP C 20 -19.88 -13.36 -2.14
N ASN C 21 -18.74 -14.05 -2.19
CA ASN C 21 -18.55 -15.25 -1.40
C ASN C 21 -18.41 -14.87 0.07
N ARG C 22 -19.50 -14.97 0.82
CA ARG C 22 -19.49 -14.86 2.27
C ARG C 22 -19.16 -16.22 2.86
N LYS C 23 -18.36 -16.22 3.92
CA LYS C 23 -17.91 -17.47 4.53
C LYS C 23 -17.53 -17.23 5.97
N ARG C 24 -18.42 -17.61 6.90
CA ARG C 24 -18.05 -17.73 8.29
C ARG C 24 -17.02 -18.83 8.46
N ILE C 25 -16.07 -18.61 9.36
CA ILE C 25 -15.00 -19.58 9.60
C ILE C 25 -14.73 -19.56 11.09
N SER C 26 -14.42 -20.73 11.65
CA SER C 26 -14.13 -20.85 13.08
C SER C 26 -13.56 -22.23 13.33
N ASN C 27 -13.26 -22.51 14.60
CA ASN C 27 -12.72 -23.79 15.05
C ASN C 27 -11.47 -24.15 14.25
N CYS C 28 -10.56 -23.20 14.18
CA CYS C 28 -9.38 -23.30 13.35
C CYS C 28 -8.15 -23.02 14.19
N VAL C 29 -7.01 -23.09 13.53
CA VAL C 29 -5.82 -22.30 13.84
C VAL C 29 -5.26 -21.84 12.52
N ALA C 30 -5.06 -20.53 12.38
CA ALA C 30 -4.83 -19.92 11.08
C ALA C 30 -3.42 -19.35 11.04
N ASP C 31 -2.63 -19.81 10.08
CA ASP C 31 -1.27 -19.31 9.90
C ASP C 31 -1.30 -18.05 9.04
N TYR C 32 -1.64 -16.93 9.68
CA TYR C 32 -1.52 -15.64 9.02
C TYR C 32 -0.12 -15.43 8.46
N SER C 33 0.88 -16.04 9.08
CA SER C 33 2.21 -16.05 8.53
C SER C 33 2.20 -16.50 7.07
N VAL C 34 1.25 -17.35 6.69
CA VAL C 34 1.11 -17.70 5.28
C VAL C 34 0.66 -16.49 4.48
N LEU C 35 -0.35 -15.76 5.00
CA LEU C 35 -0.79 -14.54 4.36
C LEU C 35 0.37 -13.57 4.16
N TYR C 36 1.37 -13.65 5.03
CA TYR C 36 2.50 -12.74 4.91
C TYR C 36 3.52 -13.26 3.92
N ASN C 37 3.94 -14.51 4.08
CA ASN C 37 4.91 -15.14 3.20
C ASN C 37 4.37 -15.38 1.80
N SER C 38 3.10 -15.04 1.55
CA SER C 38 2.61 -15.00 0.18
C SER C 38 3.34 -13.92 -0.61
N ALA C 39 3.24 -12.67 -0.16
CA ALA C 39 3.86 -11.53 -0.84
C ALA C 39 3.40 -11.47 -2.29
N SER C 40 2.09 -11.41 -2.47
CA SER C 40 1.50 -11.38 -3.81
C SER C 40 0.43 -10.33 -3.99
N PHE C 41 -0.11 -9.76 -2.92
CA PHE C 41 -1.23 -8.85 -3.06
C PHE C 41 -0.76 -7.51 -3.63
N SER C 42 -1.71 -6.59 -3.74
CA SER C 42 -1.41 -5.19 -3.94
C SER C 42 -1.52 -4.44 -2.62
N THR C 43 -2.66 -4.53 -1.97
CA THR C 43 -2.92 -3.81 -0.73
C THR C 43 -3.32 -4.80 0.36
N PHE C 44 -2.82 -4.57 1.56
CA PHE C 44 -3.23 -5.33 2.74
C PHE C 44 -3.44 -4.28 3.81
N LYS C 45 -4.63 -3.69 3.85
CA LYS C 45 -4.92 -2.61 4.78
C LYS C 45 -5.65 -3.18 5.98
N CYS C 46 -5.11 -2.96 7.18
CA CYS C 46 -5.66 -3.66 8.32
C CYS C 46 -6.18 -2.68 9.37
N TYR C 47 -7.49 -2.71 9.59
CA TYR C 47 -8.19 -1.83 10.50
C TYR C 47 -8.20 -2.41 11.91
N GLY C 48 -8.23 -1.51 12.89
CA GLY C 48 -8.40 -1.88 14.28
C GLY C 48 -7.40 -2.86 14.83
N VAL C 49 -6.43 -3.30 14.02
CA VAL C 49 -5.44 -4.27 14.45
C VAL C 49 -4.31 -4.29 13.44
N SER C 50 -3.09 -4.49 13.93
CA SER C 50 -1.93 -4.59 13.06
C SER C 50 -1.67 -6.05 12.72
N PRO C 51 -1.23 -6.34 11.49
CA PRO C 51 -1.04 -7.74 11.07
C PRO C 51 -0.30 -8.60 12.07
N THR C 52 0.76 -8.10 12.70
CA THR C 52 1.39 -8.91 13.74
C THR C 52 0.44 -9.11 14.91
N LYS C 53 -0.43 -8.13 15.15
CA LYS C 53 -1.27 -8.20 16.33
C LYS C 53 -2.44 -9.16 16.15
N LEU C 54 -3.11 -9.13 14.99
CA LEU C 54 -4.18 -10.09 14.76
C LEU C 54 -3.71 -11.52 14.89
N ASN C 55 -2.40 -11.75 14.77
CA ASN C 55 -1.85 -13.07 15.05
C ASN C 55 -2.05 -13.43 16.52
N ASP C 56 -1.53 -12.60 17.42
CA ASP C 56 -1.61 -12.87 18.85
C ASP C 56 -2.78 -12.12 19.48
N LEU C 57 -3.98 -12.40 18.98
CA LEU C 57 -5.20 -11.91 19.60
C LEU C 57 -6.29 -12.96 19.43
N CYS C 58 -7.19 -13.02 20.40
CA CYS C 58 -8.28 -14.00 20.41
C CYS C 58 -9.22 -13.75 19.25
N PHE C 59 -9.61 -14.82 18.57
CA PHE C 59 -10.59 -14.77 17.50
C PHE C 59 -11.60 -15.88 17.67
N THR C 60 -12.87 -15.50 17.72
CA THR C 60 -13.94 -16.48 17.85
C THR C 60 -14.44 -16.90 16.48
N ASN C 61 -14.91 -15.93 15.70
CA ASN C 61 -15.45 -16.22 14.36
C ASN C 61 -14.84 -15.28 13.34
N VAL C 62 -14.84 -15.68 12.07
CA VAL C 62 -14.41 -14.83 10.97
C VAL C 62 -15.57 -14.69 10.00
N TYR C 63 -15.45 -13.77 9.06
CA TYR C 63 -16.49 -13.55 8.08
C TYR C 63 -15.90 -13.32 6.69
N ALA C 64 -14.96 -14.19 6.28
CA ALA C 64 -14.21 -13.97 5.06
C ALA C 64 -15.14 -13.73 3.87
N ASP C 65 -14.73 -12.85 2.97
CA ASP C 65 -15.51 -12.52 1.77
C ASP C 65 -14.58 -12.46 0.58
N SER C 66 -15.04 -13.00 -0.55
CA SER C 66 -14.28 -13.01 -1.79
C SER C 66 -15.11 -12.39 -2.91
N PHE C 67 -14.49 -11.46 -3.65
CA PHE C 67 -15.14 -10.85 -4.81
C PHE C 67 -14.08 -10.11 -5.61
N VAL C 68 -14.53 -9.31 -6.58
CA VAL C 68 -13.65 -8.55 -7.45
C VAL C 68 -14.24 -7.15 -7.61
N ILE C 69 -13.40 -6.20 -8.00
CA ILE C 69 -13.83 -4.87 -8.40
C ILE C 69 -12.96 -4.39 -9.55
N ARG C 70 -13.28 -3.21 -10.07
CA ARG C 70 -12.40 -2.52 -10.99
C ARG C 70 -11.38 -1.74 -10.19
N GLY C 71 -10.15 -1.66 -10.71
CA GLY C 71 -9.01 -1.18 -9.95
C GLY C 71 -9.29 0.04 -9.09
N ASP C 72 -9.52 1.19 -9.72
CA ASP C 72 -9.77 2.42 -8.96
C ASP C 72 -10.82 2.21 -7.89
N GLU C 73 -11.85 1.43 -8.21
CA GLU C 73 -13.02 1.31 -7.35
C GLU C 73 -12.66 0.76 -5.98
N VAL C 74 -11.45 0.21 -5.81
CA VAL C 74 -11.09 -0.32 -4.50
C VAL C 74 -11.03 0.81 -3.48
N ARG C 75 -10.95 2.07 -3.94
CA ARG C 75 -10.98 3.19 -3.00
C ARG C 75 -12.29 3.24 -2.24
N GLN C 76 -13.38 2.82 -2.88
CA GLN C 76 -14.68 2.88 -2.26
C GLN C 76 -14.75 2.06 -0.98
N ILE C 77 -13.99 0.98 -0.90
CA ILE C 77 -14.08 0.07 0.23
C ILE C 77 -13.32 0.66 1.41
N ALA C 78 -14.03 1.43 2.23
CA ALA C 78 -13.53 1.96 3.48
C ALA C 78 -14.72 2.54 4.23
N PRO C 79 -14.65 2.61 5.55
CA PRO C 79 -15.71 3.30 6.31
C PRO C 79 -16.07 4.64 5.69
N GLY C 80 -17.37 4.88 5.54
CA GLY C 80 -17.84 6.17 5.12
C GLY C 80 -17.47 6.56 3.70
N GLN C 81 -18.06 5.91 2.71
CA GLN C 81 -17.83 6.25 1.31
C GLN C 81 -19.14 6.12 0.54
N THR C 82 -19.12 6.57 -0.71
CA THR C 82 -20.26 6.43 -1.60
C THR C 82 -19.77 6.02 -2.98
N GLY C 83 -20.70 5.55 -3.79
CA GLY C 83 -20.41 4.94 -5.07
C GLY C 83 -21.17 3.65 -5.25
N LYS C 84 -20.94 3.01 -6.39
CA LYS C 84 -21.55 1.71 -6.65
C LYS C 84 -21.14 0.70 -5.58
N ILE C 85 -19.86 0.38 -5.52
CA ILE C 85 -19.39 -0.66 -4.59
C ILE C 85 -19.44 -0.17 -3.15
N ALA C 86 -19.24 1.14 -2.95
CA ALA C 86 -19.13 1.66 -1.59
C ALA C 86 -20.41 1.52 -0.80
N ASP C 87 -21.54 1.87 -1.40
CA ASP C 87 -22.83 1.80 -0.73
C ASP C 87 -23.81 0.89 -1.47
N TYR C 88 -23.94 1.04 -2.78
CA TYR C 88 -24.95 0.32 -3.54
C TYR C 88 -24.61 -1.15 -3.73
N ASN C 89 -23.48 -1.62 -3.20
CA ASN C 89 -23.11 -3.01 -3.33
C ASN C 89 -22.58 -3.63 -2.04
N TYR C 90 -22.21 -2.83 -1.05
CA TYR C 90 -21.67 -3.32 0.22
C TYR C 90 -21.53 -2.11 1.13
N LYS C 91 -20.94 -2.32 2.30
CA LYS C 91 -20.48 -1.24 3.15
C LYS C 91 -19.62 -1.82 4.27
N LEU C 92 -18.49 -1.20 4.55
CA LEU C 92 -17.61 -1.67 5.62
C LEU C 92 -18.16 -1.23 6.96
N PRO C 93 -18.60 -2.15 7.82
CA PRO C 93 -19.14 -1.75 9.13
C PRO C 93 -18.15 -0.90 9.92
N ASP C 94 -18.70 0.00 10.72
CA ASP C 94 -17.94 0.99 11.47
C ASP C 94 -17.63 0.55 12.90
N ASP C 95 -17.85 -0.72 13.22
CA ASP C 95 -17.44 -1.35 14.47
C ASP C 95 -16.42 -2.43 14.20
N PHE C 96 -15.53 -2.19 13.25
CA PHE C 96 -14.83 -3.25 12.54
C PHE C 96 -13.55 -3.66 13.25
N THR C 97 -13.15 -4.92 13.01
CA THR C 97 -11.87 -5.43 13.49
C THR C 97 -11.12 -6.23 12.43
N GLY C 98 -11.80 -6.77 11.42
CA GLY C 98 -11.13 -7.50 10.35
C GLY C 98 -10.43 -6.54 9.41
N CYS C 99 -9.93 -7.08 8.29
CA CYS C 99 -9.18 -6.21 7.40
C CYS C 99 -8.99 -6.82 6.01
N VAL C 100 -8.53 -5.96 5.10
CA VAL C 100 -8.83 -6.06 3.68
C VAL C 100 -7.58 -6.38 2.88
N ILE C 101 -7.74 -7.21 1.84
CA ILE C 101 -6.66 -7.60 0.95
C ILE C 101 -7.17 -7.44 -0.47
N ALA C 102 -6.27 -7.06 -1.38
CA ALA C 102 -6.71 -6.87 -2.76
C ALA C 102 -5.50 -6.88 -3.69
N TRP C 103 -5.70 -7.43 -4.89
CA TRP C 103 -4.62 -7.43 -5.87
C TRP C 103 -5.16 -7.65 -7.27
N ASN C 104 -4.32 -7.31 -8.24
CA ASN C 104 -4.65 -7.40 -9.67
C ASN C 104 -5.14 -8.80 -10.03
N SER C 105 -5.87 -8.91 -11.14
CA SER C 105 -6.45 -10.17 -11.55
C SER C 105 -6.24 -10.42 -13.04
N ASN C 106 -5.15 -9.89 -13.60
CA ASN C 106 -4.97 -9.80 -15.05
C ASN C 106 -5.10 -11.16 -15.74
N ASN C 107 -4.17 -12.06 -15.49
CA ASN C 107 -4.17 -13.31 -16.26
C ASN C 107 -5.12 -14.35 -15.69
N LEU C 108 -5.94 -13.99 -14.70
CA LEU C 108 -7.02 -14.84 -14.24
C LEU C 108 -8.40 -14.31 -14.62
N ASP C 109 -8.59 -12.99 -14.59
CA ASP C 109 -9.88 -12.37 -14.83
C ASP C 109 -9.90 -11.46 -16.05
N SER C 110 -8.83 -11.42 -16.83
CA SER C 110 -8.81 -10.60 -18.03
C SER C 110 -8.27 -11.42 -19.19
N LYS C 111 -8.33 -10.83 -20.38
CA LYS C 111 -8.01 -11.47 -21.65
C LYS C 111 -8.18 -10.39 -22.72
N VAL C 112 -7.79 -10.72 -23.96
CA VAL C 112 -8.08 -9.81 -25.06
C VAL C 112 -9.58 -9.65 -25.20
N GLY C 113 -10.01 -8.43 -25.53
CA GLY C 113 -11.42 -8.13 -25.58
C GLY C 113 -11.97 -7.84 -24.20
N GLY C 114 -11.44 -8.53 -23.21
CA GLY C 114 -11.85 -8.36 -21.83
C GLY C 114 -12.73 -9.50 -21.35
N ASN C 115 -13.04 -9.44 -20.06
CA ASN C 115 -13.99 -10.35 -19.45
C ASN C 115 -15.31 -9.63 -19.22
N TYR C 116 -16.40 -10.40 -19.20
CA TYR C 116 -17.72 -9.86 -18.95
C TYR C 116 -18.42 -10.51 -17.77
N ASN C 117 -18.00 -11.72 -17.38
CA ASN C 117 -18.75 -12.52 -16.43
C ASN C 117 -19.00 -11.80 -15.10
N TYR C 118 -18.13 -10.87 -14.72
CA TYR C 118 -18.33 -10.10 -13.51
C TYR C 118 -19.42 -9.06 -13.75
N LEU C 119 -20.34 -8.93 -12.81
CA LEU C 119 -21.42 -7.95 -12.88
C LEU C 119 -21.52 -7.23 -11.56
N TYR C 120 -21.47 -5.90 -11.58
CA TYR C 120 -21.69 -5.09 -10.40
C TYR C 120 -23.18 -5.01 -10.13
N ARG C 121 -23.58 -4.11 -9.24
CA ARG C 121 -24.98 -3.67 -9.14
C ARG C 121 -24.94 -2.15 -9.09
N LEU C 122 -25.18 -1.54 -10.25
CA LEU C 122 -24.92 -0.11 -10.43
C LEU C 122 -25.95 0.73 -9.71
N PHE C 123 -27.19 0.26 -9.62
CA PHE C 123 -28.25 0.96 -8.90
C PHE C 123 -28.70 0.08 -7.75
N ARG C 124 -29.68 0.58 -7.00
CA ARG C 124 -30.33 -0.20 -5.96
C ARG C 124 -31.51 0.58 -5.42
N LYS C 125 -32.55 -0.15 -5.01
CA LYS C 125 -33.63 0.46 -4.24
C LYS C 125 -33.16 0.79 -2.82
N SER C 126 -32.09 0.14 -2.37
CA SER C 126 -31.48 0.43 -1.08
C SER C 126 -29.98 0.20 -1.19
N ASN C 127 -29.23 1.23 -0.86
CA ASN C 127 -27.78 1.09 -0.72
C ASN C 127 -27.49 0.03 0.33
N LEU C 128 -26.81 -1.04 -0.07
CA LEU C 128 -26.60 -2.17 0.83
C LEU C 128 -26.00 -1.72 2.14
N LYS C 129 -26.72 -2.01 3.22
CA LYS C 129 -26.31 -1.70 4.59
C LYS C 129 -25.00 -2.40 4.91
N PRO C 130 -24.37 -2.12 6.04
CA PRO C 130 -23.13 -2.81 6.39
C PRO C 130 -23.26 -4.32 6.20
N PHE C 131 -22.45 -4.86 5.29
CA PHE C 131 -22.24 -6.28 5.05
C PHE C 131 -23.44 -6.96 4.40
N GLU C 132 -24.55 -6.28 4.19
CA GLU C 132 -25.73 -6.94 3.65
C GLU C 132 -25.49 -7.31 2.18
N ARG C 133 -26.39 -8.15 1.65
CA ARG C 133 -26.28 -8.65 0.29
C ARG C 133 -27.66 -8.69 -0.35
N ASP C 134 -27.83 -7.93 -1.44
CA ASP C 134 -29.02 -7.98 -2.28
C ASP C 134 -28.61 -8.71 -3.56
N ILE C 135 -28.71 -10.04 -3.54
CA ILE C 135 -28.25 -10.86 -4.66
C ILE C 135 -29.20 -10.85 -5.84
N SER C 136 -30.28 -10.08 -5.76
CA SER C 136 -31.23 -9.96 -6.86
C SER C 136 -30.72 -8.97 -7.90
N THR C 137 -31.62 -8.60 -8.80
CA THR C 137 -31.40 -7.51 -9.74
C THR C 137 -32.55 -6.51 -9.72
N GLU C 138 -33.00 -6.11 -8.52
CA GLU C 138 -34.19 -5.28 -8.38
C GLU C 138 -34.08 -4.00 -9.20
N ILE C 139 -35.24 -3.46 -9.58
CA ILE C 139 -35.28 -2.27 -10.41
C ILE C 139 -35.03 -1.04 -9.56
N TYR C 140 -34.75 0.08 -10.21
CA TYR C 140 -34.46 1.33 -9.52
C TYR C 140 -34.57 2.51 -10.48
N TYR C 156 -35.41 -1.50 -15.08
CA TYR C 156 -34.06 -1.93 -15.40
C TYR C 156 -33.53 -2.87 -14.33
N PHE C 157 -32.61 -3.75 -14.71
CA PHE C 157 -31.83 -4.50 -13.73
C PHE C 157 -30.42 -3.90 -13.74
N PRO C 158 -29.94 -3.42 -12.59
CA PRO C 158 -28.76 -2.54 -12.60
C PRO C 158 -27.43 -3.26 -12.72
N LEU C 159 -27.42 -4.58 -12.71
CA LEU C 159 -26.16 -5.31 -12.75
C LEU C 159 -25.53 -5.21 -14.13
N GLN C 160 -24.53 -4.34 -14.26
CA GLN C 160 -23.77 -4.20 -15.48
C GLN C 160 -22.37 -4.74 -15.28
N SER C 161 -21.79 -5.25 -16.36
CA SER C 161 -20.47 -5.83 -16.25
C SER C 161 -19.40 -4.75 -16.31
N TYR C 162 -18.17 -5.16 -16.08
CA TYR C 162 -16.99 -4.34 -16.27
C TYR C 162 -16.04 -5.01 -17.23
N GLY C 163 -15.44 -4.21 -18.11
CA GLY C 163 -14.44 -4.67 -19.04
C GLY C 163 -13.09 -4.76 -18.35
N PHE C 164 -12.39 -5.85 -18.60
CA PHE C 164 -11.10 -6.12 -17.99
C PHE C 164 -10.08 -6.22 -19.13
N GLN C 165 -9.56 -5.07 -19.53
CA GLN C 165 -8.68 -5.01 -20.67
C GLN C 165 -7.25 -4.74 -20.25
N PRO C 166 -6.27 -5.35 -20.93
CA PRO C 166 -4.86 -4.99 -20.70
C PRO C 166 -4.53 -3.57 -21.10
N THR C 167 -5.34 -2.96 -21.98
CA THR C 167 -5.06 -1.63 -22.52
C THR C 167 -5.92 -0.55 -21.89
N ASN C 168 -6.85 -0.91 -21.01
CA ASN C 168 -7.65 0.08 -20.33
C ASN C 168 -6.82 0.78 -19.27
N GLY C 169 -7.46 1.65 -18.50
CA GLY C 169 -6.80 2.21 -17.34
C GLY C 169 -6.51 1.15 -16.30
N VAL C 170 -5.40 1.34 -15.60
CA VAL C 170 -5.00 0.35 -14.60
C VAL C 170 -6.00 0.34 -13.45
N GLY C 171 -6.56 1.49 -13.11
CA GLY C 171 -7.68 1.55 -12.21
C GLY C 171 -8.94 0.93 -12.74
N TYR C 172 -8.97 0.59 -14.02
CA TYR C 172 -10.03 -0.21 -14.60
C TYR C 172 -9.55 -1.60 -14.97
N GLN C 173 -8.39 -2.00 -14.45
CA GLN C 173 -7.99 -3.40 -14.47
C GLN C 173 -8.64 -4.14 -13.31
N PRO C 174 -8.88 -5.43 -13.44
CA PRO C 174 -9.66 -6.14 -12.43
C PRO C 174 -8.81 -6.49 -11.21
N TYR C 175 -9.34 -6.18 -10.03
CA TYR C 175 -8.65 -6.42 -8.78
C TYR C 175 -9.53 -7.30 -7.90
N ARG C 176 -9.09 -8.53 -7.69
CA ARG C 176 -9.75 -9.42 -6.75
C ARG C 176 -9.54 -8.91 -5.34
N VAL C 177 -10.63 -8.74 -4.62
CA VAL C 177 -10.62 -8.31 -3.23
C VAL C 177 -11.05 -9.48 -2.36
N VAL C 178 -10.39 -9.63 -1.22
CA VAL C 178 -10.75 -10.61 -0.21
C VAL C 178 -10.70 -9.90 1.13
N VAL C 179 -11.82 -9.86 1.81
CA VAL C 179 -11.93 -9.14 3.08
C VAL C 179 -12.01 -10.15 4.20
N LEU C 180 -11.50 -9.77 5.37
CA LEU C 180 -11.70 -10.52 6.59
C LEU C 180 -12.47 -9.64 7.55
N SER C 181 -13.20 -10.27 8.46
CA SER C 181 -14.06 -9.57 9.41
C SER C 181 -14.12 -10.42 10.66
N PHE C 182 -13.52 -9.96 11.74
CA PHE C 182 -13.41 -10.82 12.91
C PHE C 182 -14.54 -10.52 13.87
N GLU C 183 -14.86 -11.52 14.70
CA GLU C 183 -15.94 -11.33 15.68
C GLU C 183 -15.70 -12.29 16.85
N LEU C 184 -15.16 -11.73 17.94
CA LEU C 184 -15.21 -12.39 19.23
C LEU C 184 -16.26 -11.71 20.11
N LEU C 185 -17.53 -11.84 19.74
CA LEU C 185 -18.60 -11.20 20.50
C LEU C 185 -18.67 -11.79 21.90
N HIS C 186 -19.08 -13.04 22.01
CA HIS C 186 -18.88 -13.83 23.22
C HIS C 186 -18.57 -15.27 22.84
N ALA C 187 -18.49 -15.53 21.54
CA ALA C 187 -18.30 -16.88 21.02
C ALA C 187 -16.97 -17.45 21.50
N PRO C 188 -16.80 -18.78 21.49
CA PRO C 188 -15.61 -19.39 22.10
C PRO C 188 -14.31 -19.24 21.30
N ALA C 189 -13.29 -19.94 21.79
CA ALA C 189 -11.92 -19.94 21.30
C ALA C 189 -11.75 -20.79 20.05
N THR C 190 -10.51 -21.27 19.81
CA THR C 190 -10.10 -22.04 18.65
C THR C 190 -9.96 -21.21 17.38
N VAL C 191 -9.24 -20.09 17.48
CA VAL C 191 -8.65 -19.44 16.30
C VAL C 191 -7.32 -18.79 16.70
N CYS C 192 -6.67 -18.15 15.72
CA CYS C 192 -5.47 -17.33 15.87
C CYS C 192 -4.18 -18.15 15.94
N GLY C 193 -4.29 -19.48 15.92
CA GLY C 193 -3.12 -20.32 15.90
C GLY C 193 -2.54 -20.54 17.28
N PRO C 194 -1.23 -20.27 17.42
CA PRO C 194 -0.52 -20.21 18.70
C PRO C 194 -1.33 -19.53 19.80
#